data_5NTU
#
_entry.id   5NTU
#
_cell.length_a   168.157
_cell.length_b   36.301
_cell.length_c   120.448
_cell.angle_alpha   90.000
_cell.angle_beta   104.390
_cell.angle_gamma   90.000
#
_symmetry.space_group_name_H-M   'C 1 2 1'
#
loop_
_entity.id
_entity.type
_entity.pdbx_description
1 polymer 'Growth/differentiation factor 8'
2 non-polymer 'CHLORIDE ION'
3 non-polymer 1,2-ETHANEDIOL
4 water water
#
_entity_poly.entity_id   1
_entity_poly.type   'polypeptide(L)'
_entity_poly.pdbx_seq_one_letter_code
;GSTWRQNTKSSRIEAIKIQILSKLRLETAPNISKDVIRQLLPKAPPLRELIDQYDVQRDDSSDGSLEDDDYHATTETIIT
MPTESDFLMQVDGKPKCCFFKFSSKIQYNKVVKAQLWIYLRPVETPTTVFVQILRLIKPMKDGTRYTGIRSLKLDMNPGT
GIWQSIDVKTVLQNWLAAPASNLGIEIKALDENGHDLAVTFPGPGEDGLNPFLEVKVTDTPKRSRRDFGLDCDEHSTESR
CCRYPLTVDFEAFGWDWIIAPKRYKANYCSGECEFVFLAAYPHTHLVHQANPRGSAGPCCTPTKMSPINMLYFNGKEQII
YGKIPAMVVDRCGCS
;
_entity_poly.pdbx_strand_id   A,B
#
loop_
_chem_comp.id
_chem_comp.type
_chem_comp.name
_chem_comp.formula
CL non-polymer 'CHLORIDE ION' 'Cl -1'
EDO non-polymer 1,2-ETHANEDIOL 'C2 H6 O2'
#
# COMPACT_ATOMS: atom_id res chain seq x y z
N GLN A 6 28.45 11.35 11.29
CA GLN A 6 27.37 12.33 11.30
C GLN A 6 26.51 12.20 12.57
N ASN A 7 26.00 13.34 13.08
CA ASN A 7 25.11 13.37 14.25
C ASN A 7 23.73 12.74 13.94
N THR A 8 23.41 12.62 12.62
CA THR A 8 22.19 11.98 12.15
C THR A 8 22.26 10.46 12.41
N LYS A 9 23.49 9.91 12.53
CA LYS A 9 23.70 8.50 12.88
C LYS A 9 23.60 8.29 14.39
N SER A 10 24.08 9.29 15.18
CA SER A 10 24.03 9.25 16.66
C SER A 10 22.59 9.38 17.18
N SER A 11 21.67 9.89 16.34
CA SER A 11 20.25 10.04 16.68
C SER A 11 19.41 8.90 16.07
N ARG A 12 19.90 8.29 14.96
CA ARG A 12 19.23 7.16 14.32
C ARG A 12 19.37 5.90 15.20
N ILE A 13 20.55 5.72 15.86
CA ILE A 13 20.78 4.60 16.77
C ILE A 13 19.84 4.71 17.99
N GLU A 14 19.63 5.93 18.51
CA GLU A 14 18.74 6.17 19.64
C GLU A 14 17.27 5.92 19.23
N ALA A 15 16.93 6.27 17.98
CA ALA A 15 15.58 6.06 17.44
C ALA A 15 15.29 4.58 17.26
N ILE A 16 16.28 3.80 16.73
CA ILE A 16 16.14 2.35 16.54
C ILE A 16 15.89 1.64 17.87
N LYS A 17 16.63 2.06 18.94
CA LYS A 17 16.49 1.50 20.29
C LYS A 17 15.08 1.71 20.83
N ILE A 18 14.54 2.96 20.71
CA ILE A 18 13.18 3.29 21.14
C ILE A 18 12.14 2.57 20.28
N GLN A 19 12.37 2.52 18.95
CA GLN A 19 11.46 1.85 18.01
C GLN A 19 11.32 0.38 18.29
N ILE A 20 12.46 -0.32 18.56
CA ILE A 20 12.44 -1.76 18.84
C ILE A 20 11.56 -2.09 20.04
N LEU A 21 11.74 -1.35 21.17
CA LEU A 21 10.93 -1.58 22.37
C LEU A 21 9.48 -1.17 22.19
N SER A 22 9.23 -0.09 21.45
CA SER A 22 7.88 0.40 21.17
C SER A 22 7.10 -0.56 20.26
N LYS A 23 7.72 -1.00 19.14
CA LYS A 23 7.08 -1.90 18.17
C LYS A 23 6.90 -3.32 18.73
N LEU A 24 7.77 -3.74 19.68
CA LEU A 24 7.67 -5.07 20.32
C LEU A 24 6.77 -5.01 21.56
N ARG A 25 6.17 -3.82 21.84
CA ARG A 25 5.28 -3.58 23.00
C ARG A 25 5.99 -3.89 24.34
N LEU A 26 7.26 -3.47 24.46
CA LEU A 26 8.07 -3.63 25.67
C LEU A 26 8.30 -2.26 26.30
N GLU A 27 7.95 -2.10 27.60
CA GLU A 27 8.20 -0.83 28.29
C GLU A 27 9.69 -0.64 28.56
N THR A 28 10.39 -1.74 28.90
CA THR A 28 11.83 -1.73 29.14
C THR A 28 12.48 -2.92 28.42
N ALA A 29 13.81 -2.87 28.22
CA ALA A 29 14.53 -4.00 27.63
C ALA A 29 14.57 -5.15 28.63
N PRO A 30 14.07 -6.35 28.24
CA PRO A 30 14.07 -7.48 29.19
C PRO A 30 15.43 -7.68 29.90
N ASN A 31 15.38 -7.82 31.24
CA ASN A 31 16.59 -7.99 32.05
C ASN A 31 16.98 -9.48 32.16
N ILE A 32 17.60 -10.02 31.09
CA ILE A 32 18.01 -11.43 31.03
C ILE A 32 19.49 -11.51 30.64
N SER A 33 20.34 -12.01 31.57
CA SER A 33 21.78 -12.14 31.35
C SER A 33 22.09 -13.29 30.40
N LYS A 34 23.34 -13.36 29.87
CA LYS A 34 23.78 -14.46 29.01
C LYS A 34 23.79 -15.79 29.79
N ASP A 35 24.03 -15.73 31.11
CA ASP A 35 24.03 -16.91 31.99
C ASP A 35 22.64 -17.52 32.08
N VAL A 36 21.58 -16.68 32.17
CA VAL A 36 20.19 -17.12 32.21
C VAL A 36 19.73 -17.63 30.81
N ILE A 37 20.19 -16.95 29.73
CA ILE A 37 19.89 -17.34 28.34
C ILE A 37 20.43 -18.75 28.05
N ARG A 38 21.65 -19.07 28.56
CA ARG A 38 22.28 -20.39 28.39
C ARG A 38 21.38 -21.52 28.94
N GLN A 39 20.70 -21.26 30.08
CA GLN A 39 19.82 -22.23 30.72
C GLN A 39 18.48 -22.35 30.02
N LEU A 40 17.91 -21.19 29.58
CA LEU A 40 16.54 -21.15 29.05
C LEU A 40 16.42 -21.36 27.54
N LEU A 41 17.47 -21.04 26.75
CA LEU A 41 17.40 -21.18 25.29
C LEU A 41 17.46 -22.65 24.89
N PRO A 42 16.36 -23.20 24.28
CA PRO A 42 16.37 -24.63 23.94
C PRO A 42 17.32 -24.98 22.80
N LYS A 43 18.12 -26.06 23.00
CA LYS A 43 19.02 -26.59 21.97
C LYS A 43 18.23 -27.61 21.14
N ALA A 44 17.10 -27.17 20.55
CA ALA A 44 16.16 -28.05 19.87
C ALA A 44 15.99 -27.73 18.38
N PRO A 45 15.46 -28.70 17.57
CA PRO A 45 15.25 -28.42 16.12
C PRO A 45 14.47 -27.11 15.78
N PRO A 46 13.32 -26.76 16.45
CA PRO A 46 12.61 -25.51 16.08
C PRO A 46 13.46 -24.25 16.23
N LEU A 47 14.26 -24.18 17.31
CA LEU A 47 15.16 -23.04 17.55
C LEU A 47 16.29 -23.02 16.54
N ARG A 48 16.75 -24.22 16.12
CA ARG A 48 17.81 -24.36 15.12
C ARG A 48 17.30 -23.95 13.74
N GLU A 49 16.00 -24.19 13.46
CA GLU A 49 15.37 -23.79 12.19
C GLU A 49 15.21 -22.26 12.11
N LEU A 50 14.80 -21.62 13.24
CA LEU A 50 14.58 -20.18 13.29
C LEU A 50 15.90 -19.39 13.21
N ILE A 51 16.98 -19.90 13.86
CA ILE A 51 18.30 -19.25 13.86
C ILE A 51 19.00 -19.44 12.49
N ASP A 52 18.89 -20.67 11.89
CA ASP A 52 19.53 -21.02 10.59
C ASP A 52 19.01 -20.19 9.41
N GLN A 53 17.86 -19.52 9.57
CA GLN A 53 17.25 -18.70 8.52
C GLN A 53 18.09 -17.43 8.23
N TYR A 54 18.86 -16.96 9.23
CA TYR A 54 19.68 -15.74 9.10
C TYR A 54 20.99 -15.99 8.33
N ASP A 55 21.33 -17.26 8.08
CA ASP A 55 22.54 -17.61 7.32
C ASP A 55 22.33 -17.39 5.82
N GLU A 67 7.72 -2.74 -5.32
CA GLU A 67 7.14 -1.84 -6.31
C GLU A 67 5.84 -2.40 -6.91
N ASP A 68 4.80 -1.55 -6.97
CA ASP A 68 3.48 -1.91 -7.54
C ASP A 68 2.85 -0.65 -8.16
N ASP A 69 3.69 0.39 -8.40
CA ASP A 69 3.31 1.73 -8.87
C ASP A 69 2.21 2.38 -8.01
N ASP A 70 2.64 3.09 -6.95
CA ASP A 70 1.74 3.81 -6.05
C ASP A 70 1.88 5.33 -6.26
N TYR A 71 2.55 5.73 -7.37
CA TYR A 71 2.83 7.13 -7.68
C TYR A 71 1.89 7.70 -8.74
N HIS A 72 1.87 7.08 -9.95
CA HIS A 72 1.07 7.60 -11.06
C HIS A 72 -0.41 7.35 -10.88
N ALA A 73 -1.24 8.22 -11.51
CA ALA A 73 -2.68 8.16 -11.41
C ALA A 73 -3.28 6.95 -12.12
N THR A 74 -4.48 6.55 -11.67
CA THR A 74 -5.25 5.45 -12.23
C THR A 74 -6.34 6.04 -13.13
N THR A 75 -6.47 5.53 -14.36
CA THR A 75 -7.51 5.98 -15.28
C THR A 75 -8.73 5.10 -15.10
N GLU A 76 -9.88 5.71 -14.81
CA GLU A 76 -11.11 4.96 -14.59
C GLU A 76 -12.11 5.19 -15.74
N THR A 77 -12.19 6.43 -16.26
CA THR A 77 -13.09 6.74 -17.37
C THR A 77 -12.42 7.64 -18.39
N ILE A 78 -12.64 7.36 -19.68
CA ILE A 78 -12.13 8.14 -20.81
C ILE A 78 -13.30 8.61 -21.66
N ILE A 79 -13.39 9.92 -21.89
CA ILE A 79 -14.43 10.51 -22.74
C ILE A 79 -13.77 11.09 -23.97
N THR A 80 -14.11 10.59 -25.14
CA THR A 80 -13.48 11.04 -26.37
C THR A 80 -14.48 11.68 -27.31
N MET A 81 -14.17 12.91 -27.75
CA MET A 81 -14.96 13.65 -28.74
CA MET A 81 -15.00 13.57 -28.75
C MET A 81 -14.47 13.23 -30.16
N PRO A 82 -15.28 13.45 -31.26
CA PRO A 82 -14.78 13.05 -32.59
C PRO A 82 -13.61 13.92 -33.06
N THR A 83 -12.58 13.29 -33.69
CA THR A 83 -11.38 14.00 -34.18
C THR A 83 -11.72 14.94 -35.31
N GLU A 84 -11.10 16.14 -35.32
CA GLU A 84 -11.33 17.15 -36.35
C GLU A 84 -10.20 17.16 -37.38
N LYS A 96 -18.51 12.50 -43.32
CA LYS A 96 -17.37 13.15 -42.67
C LYS A 96 -17.29 12.79 -41.16
N CYS A 97 -18.45 12.70 -40.49
CA CYS A 97 -18.54 12.36 -39.06
C CYS A 97 -18.96 10.87 -38.90
N CYS A 98 -18.46 10.14 -37.85
CA CYS A 98 -17.52 10.65 -36.82
C CYS A 98 -16.35 9.70 -36.65
N PHE A 99 -15.13 10.23 -36.56
CA PHE A 99 -13.94 9.40 -36.35
C PHE A 99 -13.38 9.59 -34.95
N PHE A 100 -13.01 8.47 -34.27
CA PHE A 100 -12.46 8.51 -32.93
C PHE A 100 -11.03 8.03 -32.93
N LYS A 101 -10.11 8.85 -32.43
CA LYS A 101 -8.69 8.51 -32.35
C LYS A 101 -8.24 8.51 -30.89
N PHE A 102 -7.89 7.32 -30.36
CA PHE A 102 -7.43 7.22 -28.97
C PHE A 102 -5.92 7.48 -28.87
N SER A 103 -5.50 8.30 -27.87
CA SER A 103 -4.09 8.64 -27.63
C SER A 103 -3.30 7.40 -27.26
N SER A 104 -3.99 6.38 -26.71
CA SER A 104 -3.40 5.09 -26.35
C SER A 104 -4.46 4.00 -26.50
N LYS A 105 -4.13 2.93 -27.25
CA LYS A 105 -5.05 1.81 -27.41
C LYS A 105 -4.90 0.87 -26.23
N ILE A 106 -5.82 0.97 -25.27
CA ILE A 106 -5.81 0.15 -24.06
C ILE A 106 -6.12 -1.31 -24.41
N GLN A 107 -5.59 -2.26 -23.61
CA GLN A 107 -5.88 -3.67 -23.81
C GLN A 107 -7.37 -3.90 -23.73
N TYR A 108 -7.96 -4.48 -24.80
CA TYR A 108 -9.40 -4.70 -24.91
C TYR A 108 -10.03 -5.36 -23.65
N ASN A 109 -9.31 -6.29 -23.00
CA ASN A 109 -9.85 -6.97 -21.82
C ASN A 109 -9.93 -6.06 -20.59
N LYS A 110 -9.37 -4.83 -20.68
CA LYS A 110 -9.44 -3.86 -19.57
C LYS A 110 -10.72 -3.02 -19.68
N VAL A 111 -11.41 -3.08 -20.84
CA VAL A 111 -12.64 -2.33 -21.06
C VAL A 111 -13.82 -2.95 -20.30
N VAL A 112 -14.40 -2.17 -19.39
CA VAL A 112 -15.50 -2.58 -18.53
C VAL A 112 -16.85 -2.14 -19.16
N LYS A 113 -16.86 -0.97 -19.80
CA LYS A 113 -18.05 -0.37 -20.39
C LYS A 113 -17.63 0.61 -21.51
N ALA A 114 -18.37 0.64 -22.63
CA ALA A 114 -18.11 1.59 -23.72
C ALA A 114 -19.43 2.02 -24.33
N GLN A 115 -19.80 3.29 -24.12
CA GLN A 115 -21.08 3.79 -24.61
C GLN A 115 -20.93 5.00 -25.48
N LEU A 116 -21.64 5.01 -26.61
CA LEU A 116 -21.64 6.14 -27.50
C LEU A 116 -22.81 7.05 -27.16
N TRP A 117 -22.52 8.31 -26.81
CA TRP A 117 -23.59 9.26 -26.50
C TRP A 117 -23.89 10.16 -27.65
N ILE A 118 -25.18 10.23 -28.00
CA ILE A 118 -25.73 10.97 -29.14
C ILE A 118 -26.82 11.94 -28.65
N TYR A 119 -26.85 13.15 -29.18
CA TYR A 119 -27.88 14.11 -28.82
C TYR A 119 -28.86 14.30 -29.95
N LEU A 120 -30.15 14.03 -29.68
CA LEU A 120 -31.22 14.24 -30.62
C LEU A 120 -31.87 15.58 -30.33
N ARG A 121 -31.83 16.51 -31.31
CA ARG A 121 -32.36 17.89 -31.19
C ARG A 121 -33.87 17.91 -30.80
N PRO A 122 -34.35 18.99 -30.11
CA PRO A 122 -35.78 19.06 -29.78
C PRO A 122 -36.67 19.13 -31.03
N VAL A 123 -37.84 18.47 -30.97
CA VAL A 123 -38.77 18.41 -32.11
C VAL A 123 -39.88 19.48 -32.01
N GLU A 124 -40.33 19.98 -33.16
CA GLU A 124 -41.38 21.01 -33.22
C GLU A 124 -42.75 20.36 -33.01
N THR A 125 -42.97 19.16 -33.61
CA THR A 125 -44.18 18.37 -33.46
C THR A 125 -43.81 16.95 -32.99
N PRO A 126 -44.71 16.23 -32.25
CA PRO A 126 -44.36 14.87 -31.80
C PRO A 126 -44.19 13.89 -32.98
N THR A 127 -43.02 13.22 -33.06
CA THR A 127 -42.70 12.27 -34.16
C THR A 127 -41.96 11.03 -33.64
N THR A 128 -41.81 10.02 -34.50
CA THR A 128 -41.01 8.82 -34.22
C THR A 128 -39.61 9.05 -34.81
N VAL A 129 -38.55 8.63 -34.07
CA VAL A 129 -37.15 8.80 -34.52
C VAL A 129 -36.53 7.44 -34.84
N PHE A 130 -36.00 7.29 -36.05
CA PHE A 130 -35.28 6.08 -36.41
C PHE A 130 -33.78 6.32 -36.30
N VAL A 131 -33.19 5.83 -35.20
CA VAL A 131 -31.76 5.98 -34.94
C VAL A 131 -30.99 4.79 -35.52
N GLN A 132 -29.88 5.05 -36.21
CA GLN A 132 -29.06 3.99 -36.79
C GLN A 132 -27.60 4.32 -36.65
N ILE A 133 -26.85 3.44 -36.02
CA ILE A 133 -25.41 3.59 -35.86
C ILE A 133 -24.71 2.47 -36.61
N LEU A 134 -23.73 2.83 -37.45
CA LEU A 134 -23.04 1.88 -38.29
C LEU A 134 -21.55 2.02 -38.16
N ARG A 135 -20.84 0.90 -38.09
CA ARG A 135 -19.38 0.87 -38.12
C ARG A 135 -18.94 1.00 -39.58
N LEU A 136 -18.03 1.95 -39.87
CA LEU A 136 -17.50 2.12 -41.21
C LEU A 136 -16.33 1.19 -41.40
N ILE A 137 -16.46 0.24 -42.33
CA ILE A 137 -15.40 -0.73 -42.61
C ILE A 137 -14.82 -0.53 -44.00
N LYS A 138 -13.64 -1.11 -44.27
CA LYS A 138 -13.05 -1.09 -45.61
C LYS A 138 -13.95 -1.95 -46.52
N PRO A 139 -14.27 -1.47 -47.74
CA PRO A 139 -15.22 -2.22 -48.59
C PRO A 139 -14.82 -3.68 -48.79
N MET A 140 -15.77 -4.60 -48.54
CA MET A 140 -15.54 -6.03 -48.69
C MET A 140 -16.04 -6.50 -50.08
N LYS A 141 -15.99 -5.57 -51.08
CA LYS A 141 -16.42 -5.83 -52.47
C LYS A 141 -17.91 -6.22 -52.56
N ASP A 142 -18.22 -7.53 -52.41
CA ASP A 142 -19.60 -8.03 -52.51
C ASP A 142 -20.41 -7.69 -51.27
N GLY A 143 -19.75 -7.71 -50.10
CA GLY A 143 -20.40 -7.44 -48.81
C GLY A 143 -21.00 -6.06 -48.69
N THR A 144 -20.19 -5.09 -48.18
CA THR A 144 -20.61 -3.69 -48.01
C THR A 144 -19.45 -2.84 -47.46
N ARG A 145 -19.70 -1.53 -47.27
CA ARG A 145 -18.73 -0.62 -46.66
C ARG A 145 -19.22 -0.17 -45.25
N TYR A 146 -20.41 -0.67 -44.83
CA TYR A 146 -21.03 -0.32 -43.56
C TYR A 146 -21.54 -1.54 -42.79
N THR A 147 -21.23 -1.60 -41.47
CA THR A 147 -21.65 -2.70 -40.58
C THR A 147 -22.62 -2.18 -39.54
N GLY A 148 -23.76 -2.84 -39.38
CA GLY A 148 -24.78 -2.43 -38.42
C GLY A 148 -24.36 -2.69 -36.99
N ILE A 149 -24.38 -1.62 -36.16
CA ILE A 149 -24.06 -1.69 -34.74
C ILE A 149 -25.36 -1.77 -33.91
N ARG A 150 -26.23 -0.77 -34.06
CA ARG A 150 -27.49 -0.69 -33.32
C ARG A 150 -28.51 0.12 -34.10
N SER A 151 -29.80 -0.23 -33.93
CA SER A 151 -30.91 0.46 -34.56
C SER A 151 -31.98 0.72 -33.52
N LEU A 152 -32.42 1.97 -33.40
CA LEU A 152 -33.37 2.36 -32.37
C LEU A 152 -34.61 3.02 -32.94
N LYS A 153 -35.72 2.86 -32.22
CA LYS A 153 -36.97 3.54 -32.52
C LYS A 153 -37.42 4.24 -31.25
N LEU A 154 -37.66 5.55 -31.31
CA LEU A 154 -38.06 6.28 -30.11
C LEU A 154 -39.05 7.38 -30.39
N ASP A 155 -39.96 7.60 -29.44
CA ASP A 155 -41.01 8.59 -29.58
C ASP A 155 -40.60 9.89 -28.91
N MET A 156 -40.55 10.98 -29.68
CA MET A 156 -40.16 12.28 -29.15
C MET A 156 -41.30 13.27 -29.16
N ASN A 157 -41.43 14.05 -28.08
CA ASN A 157 -42.45 15.08 -27.95
C ASN A 157 -41.80 16.47 -27.86
N PRO A 158 -42.51 17.56 -28.25
CA PRO A 158 -41.90 18.91 -28.18
C PRO A 158 -41.55 19.33 -26.75
N GLY A 159 -40.50 20.13 -26.62
CA GLY A 159 -40.05 20.62 -25.33
C GLY A 159 -38.55 20.72 -25.20
N THR A 160 -37.85 19.57 -25.25
CA THR A 160 -36.39 19.53 -25.11
C THR A 160 -35.78 18.38 -25.88
N GLY A 161 -34.50 18.51 -26.20
CA GLY A 161 -33.74 17.43 -26.81
C GLY A 161 -33.31 16.42 -25.76
N ILE A 162 -32.96 15.21 -26.18
CA ILE A 162 -32.56 14.18 -25.24
C ILE A 162 -31.21 13.57 -25.58
N TRP A 163 -30.57 12.96 -24.59
CA TRP A 163 -29.32 12.26 -24.78
C TRP A 163 -29.58 10.76 -24.88
N GLN A 164 -29.10 10.13 -25.95
CA GLN A 164 -29.25 8.70 -26.15
C GLN A 164 -27.88 8.03 -26.07
N SER A 165 -27.75 7.02 -25.20
CA SER A 165 -26.52 6.26 -25.04
C SER A 165 -26.64 4.90 -25.72
N ILE A 166 -25.64 4.52 -26.51
CA ILE A 166 -25.65 3.26 -27.25
C ILE A 166 -24.47 2.38 -26.83
N ASP A 167 -24.75 1.14 -26.41
CA ASP A 167 -23.72 0.18 -26.03
C ASP A 167 -22.86 -0.17 -27.25
N VAL A 168 -21.54 0.08 -27.15
CA VAL A 168 -20.58 -0.18 -28.25
C VAL A 168 -19.36 -0.97 -27.74
N LYS A 169 -19.50 -1.63 -26.57
CA LYS A 169 -18.38 -2.38 -25.93
C LYS A 169 -17.78 -3.44 -26.86
N THR A 170 -18.64 -4.27 -27.49
CA THR A 170 -18.17 -5.33 -28.40
C THR A 170 -17.37 -4.75 -29.57
N VAL A 171 -17.92 -3.67 -30.21
CA VAL A 171 -17.26 -3.00 -31.34
C VAL A 171 -15.91 -2.38 -30.92
N LEU A 172 -15.86 -1.71 -29.76
CA LEU A 172 -14.65 -1.07 -29.27
C LEU A 172 -13.59 -2.08 -28.90
N GLN A 173 -13.96 -3.14 -28.16
CA GLN A 173 -13.01 -4.20 -27.77
C GLN A 173 -12.41 -4.89 -28.99
N ASN A 174 -13.24 -5.18 -30.01
CA ASN A 174 -12.76 -5.81 -31.25
C ASN A 174 -11.81 -4.87 -32.02
N TRP A 175 -12.08 -3.56 -31.99
CA TRP A 175 -11.21 -2.58 -32.62
C TRP A 175 -9.85 -2.45 -31.90
N LEU A 176 -9.86 -2.45 -30.53
CA LEU A 176 -8.63 -2.32 -29.74
C LEU A 176 -7.74 -3.54 -29.89
N ALA A 177 -8.35 -4.70 -30.22
CA ALA A 177 -7.62 -5.97 -30.40
C ALA A 177 -7.25 -6.20 -31.87
N ALA A 178 -7.72 -5.33 -32.78
CA ALA A 178 -7.47 -5.48 -34.21
C ALA A 178 -6.30 -4.64 -34.67
N PRO A 179 -5.57 -5.06 -35.74
CA PRO A 179 -4.52 -4.19 -36.29
C PRO A 179 -5.13 -3.06 -37.14
N ALA A 180 -6.17 -2.39 -36.60
CA ALA A 180 -6.88 -1.29 -37.25
C ALA A 180 -6.37 0.06 -36.74
N SER A 181 -6.42 1.08 -37.60
CA SER A 181 -5.91 2.40 -37.24
C SER A 181 -6.98 3.30 -36.60
N ASN A 182 -8.12 3.46 -37.29
CA ASN A 182 -9.16 4.38 -36.82
C ASN A 182 -10.50 3.69 -36.67
N LEU A 183 -11.39 4.31 -35.90
CA LEU A 183 -12.74 3.84 -35.71
C LEU A 183 -13.69 4.89 -36.21
N GLY A 184 -14.30 4.63 -37.37
CA GLY A 184 -15.28 5.52 -37.97
C GLY A 184 -16.68 5.05 -37.74
N ILE A 185 -17.54 5.93 -37.17
CA ILE A 185 -18.93 5.59 -36.86
C ILE A 185 -19.91 6.57 -37.53
N GLU A 186 -20.83 6.04 -38.34
CA GLU A 186 -21.86 6.85 -38.98
C GLU A 186 -23.08 6.92 -38.07
N ILE A 187 -23.63 8.12 -37.88
CA ILE A 187 -24.77 8.33 -36.98
C ILE A 187 -25.95 8.97 -37.71
N LYS A 188 -27.12 8.30 -37.70
CA LYS A 188 -28.34 8.85 -38.30
C LYS A 188 -29.49 8.77 -37.31
N ALA A 189 -30.30 9.84 -37.23
CA ALA A 189 -31.47 9.87 -36.37
C ALA A 189 -32.55 10.68 -37.04
N LEU A 190 -33.31 10.03 -37.92
CA LEU A 190 -34.32 10.72 -38.75
C LEU A 190 -35.71 10.68 -38.15
N ASP A 191 -36.43 11.80 -38.21
CA ASP A 191 -37.82 11.88 -37.75
C ASP A 191 -38.78 11.48 -38.89
N GLU A 192 -40.11 11.66 -38.69
CA GLU A 192 -41.14 11.28 -39.67
C GLU A 192 -41.06 12.10 -40.98
N ASN A 193 -40.37 13.27 -40.95
CA ASN A 193 -40.25 14.14 -42.14
C ASN A 193 -38.92 13.97 -42.89
N GLY A 194 -38.02 13.14 -42.34
CA GLY A 194 -36.72 12.88 -42.95
C GLY A 194 -35.63 13.82 -42.48
N HIS A 195 -35.94 14.69 -41.48
CA HIS A 195 -34.95 15.60 -40.91
C HIS A 195 -34.08 14.85 -39.90
N ASP A 196 -32.75 15.04 -39.98
CA ASP A 196 -31.83 14.38 -39.05
C ASP A 196 -31.71 15.18 -37.75
N LEU A 197 -32.04 14.54 -36.62
CA LEU A 197 -32.05 15.19 -35.31
C LEU A 197 -30.73 15.03 -34.57
N ALA A 198 -29.91 14.03 -34.96
CA ALA A 198 -28.63 13.76 -34.30
C ALA A 198 -27.64 14.90 -34.52
N VAL A 199 -27.03 15.39 -33.43
CA VAL A 199 -25.98 16.39 -33.54
C VAL A 199 -24.67 15.66 -33.80
N THR A 200 -24.06 15.91 -34.96
CA THR A 200 -22.73 15.36 -35.29
C THR A 200 -21.75 16.53 -35.38
N PHE A 201 -21.95 17.41 -36.38
CA PHE A 201 -21.23 18.68 -36.48
C PHE A 201 -22.13 19.76 -35.88
N PRO A 202 -21.79 20.26 -34.68
CA PRO A 202 -22.72 21.17 -33.99
C PRO A 202 -22.86 22.54 -34.64
N GLY A 203 -24.11 22.94 -34.88
CA GLY A 203 -24.43 24.26 -35.41
C GLY A 203 -24.35 25.33 -34.34
N PRO A 204 -24.85 26.56 -34.60
CA PRO A 204 -24.73 27.63 -33.60
C PRO A 204 -25.55 27.35 -32.34
N GLY A 205 -24.94 27.52 -31.17
CA GLY A 205 -25.59 27.30 -29.88
C GLY A 205 -25.75 25.84 -29.51
N GLU A 206 -24.94 24.96 -30.13
CA GLU A 206 -24.97 23.53 -29.84
C GLU A 206 -23.64 23.07 -29.22
N ASP A 207 -23.13 23.86 -28.26
CA ASP A 207 -21.87 23.58 -27.58
C ASP A 207 -22.00 22.43 -26.61
N GLY A 208 -21.09 21.47 -26.72
CA GLY A 208 -21.07 20.27 -25.88
C GLY A 208 -22.22 19.33 -26.16
N LEU A 209 -22.74 19.34 -27.42
CA LEU A 209 -23.83 18.46 -27.83
C LEU A 209 -23.36 17.49 -28.91
N ASN A 210 -22.05 17.49 -29.18
CA ASN A 210 -21.37 16.60 -30.13
C ASN A 210 -21.43 15.15 -29.64
N PRO A 211 -21.30 14.15 -30.55
CA PRO A 211 -21.27 12.76 -30.07
C PRO A 211 -19.97 12.47 -29.33
N PHE A 212 -19.99 11.51 -28.40
CA PHE A 212 -18.77 11.14 -27.69
C PHE A 212 -18.79 9.71 -27.20
N LEU A 213 -17.61 9.12 -26.99
CA LEU A 213 -17.47 7.78 -26.43
C LEU A 213 -17.16 7.87 -24.95
N GLU A 214 -17.93 7.18 -24.13
CA GLU A 214 -17.64 7.07 -22.71
C GLU A 214 -17.10 5.66 -22.46
N VAL A 215 -15.81 5.54 -22.17
CA VAL A 215 -15.20 4.23 -21.94
C VAL A 215 -14.71 4.07 -20.49
N LYS A 216 -15.23 3.07 -19.77
CA LYS A 216 -14.79 2.78 -18.41
C LYS A 216 -13.79 1.63 -18.42
N VAL A 217 -12.65 1.82 -17.76
CA VAL A 217 -11.58 0.83 -17.75
C VAL A 217 -11.13 0.45 -16.34
N THR A 218 -10.53 -0.74 -16.18
CA THR A 218 -9.89 -1.15 -14.94
C THR A 218 -8.38 -1.08 -15.11
N ASP A 219 -7.79 0.10 -14.77
CA ASP A 219 -6.36 0.40 -14.94
C ASP A 219 -5.52 -0.37 -13.92
N THR A 220 -4.75 -1.37 -14.40
CA THR A 220 -3.88 -2.17 -13.53
C THR A 220 -2.50 -1.52 -13.39
N PRO A 221 -2.10 -1.12 -12.14
CA PRO A 221 -0.81 -0.40 -11.98
C PRO A 221 0.41 -1.24 -12.38
N LYS A 222 1.17 -0.75 -13.38
CA LYS A 222 2.37 -1.44 -13.88
C LYS A 222 3.60 -1.04 -13.06
N ARG A 223 4.13 -1.99 -12.27
CA ARG A 223 5.31 -1.77 -11.43
C ARG A 223 6.56 -1.55 -12.29
N SER A 224 7.49 -0.71 -11.81
CA SER A 224 8.75 -0.45 -12.51
C SER A 224 9.92 -1.29 -11.94
N ARG A 225 9.67 -1.99 -10.77
CA ARG A 225 10.68 -2.80 -10.05
C ARG A 225 11.90 -1.97 -9.65
N ARG A 226 11.80 -1.26 -8.50
CA ARG A 226 12.84 -0.33 -8.02
C ARG A 226 14.18 -1.01 -7.73
N ASP A 227 15.28 -0.37 -8.13
CA ASP A 227 16.65 -0.85 -7.90
C ASP A 227 17.64 0.35 -7.88
N PHE A 228 17.09 1.59 -7.89
CA PHE A 228 17.88 2.81 -7.90
C PHE A 228 17.65 3.68 -6.64
N GLY A 229 18.46 4.72 -6.48
CA GLY A 229 18.41 5.63 -5.33
C GLY A 229 19.78 6.06 -4.89
N LEU A 230 19.89 7.28 -4.33
CA LEU A 230 21.20 7.81 -3.91
C LEU A 230 21.68 7.14 -2.61
N ASP A 231 22.60 6.17 -2.73
CA ASP A 231 23.14 5.41 -1.60
C ASP A 231 24.66 5.58 -1.51
N CYS A 232 25.12 6.85 -1.52
CA CYS A 232 26.53 7.24 -1.46
C CYS A 232 27.24 6.70 -0.22
N ASP A 233 28.57 6.56 -0.32
CA ASP A 233 29.39 6.05 0.79
C ASP A 233 29.58 7.09 1.90
N GLU A 234 30.04 6.63 3.09
CA GLU A 234 30.24 7.47 4.28
C GLU A 234 31.33 8.56 4.06
N HIS A 235 32.39 8.23 3.28
CA HIS A 235 33.51 9.17 3.02
C HIS A 235 33.19 10.22 1.92
N SER A 236 32.02 10.09 1.24
CA SER A 236 31.62 11.00 0.16
C SER A 236 31.41 12.45 0.66
N THR A 237 31.61 13.43 -0.24
CA THR A 237 31.44 14.86 0.08
C THR A 237 30.06 15.34 -0.39
N GLU A 238 29.16 14.37 -0.70
CA GLU A 238 27.82 14.63 -1.20
C GLU A 238 26.99 15.46 -0.21
N SER A 239 26.42 16.57 -0.68
CA SER A 239 25.59 17.47 0.14
C SER A 239 24.10 17.17 -0.06
N ARG A 240 23.75 16.46 -1.16
CA ARG A 240 22.35 16.12 -1.49
C ARG A 240 21.80 15.05 -0.55
N CYS A 241 20.46 14.91 -0.51
CA CYS A 241 19.79 13.86 0.27
C CYS A 241 20.29 12.49 -0.15
N CYS A 242 20.85 11.74 0.80
CA CYS A 242 21.50 10.48 0.50
C CYS A 242 21.25 9.45 1.59
N ARG A 243 21.34 8.15 1.21
CA ARG A 243 21.22 7.02 2.13
C ARG A 243 22.62 6.56 2.58
N TYR A 244 22.93 6.69 3.88
CA TYR A 244 24.24 6.34 4.41
C TYR A 244 24.18 5.00 5.15
N PRO A 245 25.30 4.25 5.19
CA PRO A 245 25.27 2.94 5.87
C PRO A 245 25.29 3.06 7.40
N LEU A 246 24.57 2.15 8.08
CA LEU A 246 24.56 2.07 9.53
C LEU A 246 24.22 0.66 9.98
N THR A 247 25.12 0.05 10.77
CA THR A 247 24.93 -1.28 11.31
C THR A 247 24.56 -1.20 12.78
N VAL A 248 23.43 -1.84 13.15
CA VAL A 248 22.95 -1.87 14.53
C VAL A 248 23.41 -3.18 15.22
N ASP A 249 24.45 -3.08 16.08
CA ASP A 249 24.98 -4.23 16.83
C ASP A 249 24.29 -4.29 18.19
N PHE A 250 23.45 -5.31 18.40
CA PHE A 250 22.71 -5.46 19.66
C PHE A 250 23.60 -5.92 20.81
N GLU A 251 24.71 -6.64 20.50
CA GLU A 251 25.70 -7.07 21.50
C GLU A 251 26.41 -5.85 22.07
N ALA A 252 26.63 -4.82 21.22
CA ALA A 252 27.26 -3.56 21.64
C ALA A 252 26.36 -2.79 22.60
N PHE A 253 25.02 -2.92 22.46
CA PHE A 253 24.07 -2.27 23.38
C PHE A 253 23.98 -3.06 24.69
N GLY A 254 24.36 -4.33 24.64
CA GLY A 254 24.22 -5.25 25.76
C GLY A 254 22.85 -5.90 25.78
N TRP A 255 22.13 -5.81 24.63
CA TRP A 255 20.79 -6.37 24.47
C TRP A 255 20.86 -7.87 24.11
N ASP A 256 21.27 -8.69 25.09
CA ASP A 256 21.44 -10.13 24.90
C ASP A 256 20.10 -10.88 24.80
N TRP A 257 18.99 -10.20 25.17
CA TRP A 257 17.64 -10.77 25.07
C TRP A 257 17.23 -10.99 23.59
N ILE A 258 17.93 -10.30 22.65
CA ILE A 258 17.73 -10.52 21.23
C ILE A 258 18.65 -11.66 20.75
N ILE A 259 18.06 -12.81 20.40
CA ILE A 259 18.83 -13.98 19.96
C ILE A 259 19.32 -13.79 18.54
N ALA A 260 18.44 -13.31 17.66
CA ALA A 260 18.76 -13.10 16.26
C ALA A 260 17.84 -12.04 15.66
N PRO A 261 18.36 -11.15 14.80
CA PRO A 261 19.76 -11.06 14.34
C PRO A 261 20.64 -10.34 15.38
N LYS A 262 21.91 -10.74 15.49
CA LYS A 262 22.84 -10.08 16.41
C LYS A 262 23.29 -8.73 15.85
N ARG A 263 23.25 -8.60 14.51
CA ARG A 263 23.61 -7.38 13.80
C ARG A 263 22.72 -7.24 12.58
N TYR A 264 22.37 -5.99 12.21
CA TYR A 264 21.60 -5.73 11.00
C TYR A 264 21.89 -4.33 10.42
N LYS A 265 21.79 -4.18 9.10
CA LYS A 265 22.04 -2.89 8.46
C LYS A 265 20.74 -2.07 8.37
N ALA A 266 20.62 -1.03 9.22
CA ALA A 266 19.42 -0.18 9.27
C ALA A 266 19.52 0.98 8.31
N ASN A 267 20.74 1.58 8.18
CA ASN A 267 20.98 2.76 7.33
C ASN A 267 20.27 4.01 7.85
N TYR A 268 20.54 5.17 7.25
CA TYR A 268 19.89 6.44 7.62
C TYR A 268 19.98 7.48 6.50
N CYS A 269 19.10 8.49 6.53
CA CYS A 269 19.07 9.55 5.52
C CYS A 269 19.73 10.79 6.02
N SER A 270 20.50 11.46 5.16
CA SER A 270 21.11 12.75 5.48
C SER A 270 21.37 13.50 4.20
N GLY A 271 21.25 14.81 4.24
CA GLY A 271 21.51 15.64 3.07
C GLY A 271 20.53 16.76 2.85
N GLU A 272 20.89 17.70 2.01
CA GLU A 272 20.12 18.88 1.73
C GLU A 272 19.13 18.65 0.57
N CYS A 273 17.93 19.23 0.69
CA CYS A 273 16.91 19.15 -0.33
C CYS A 273 16.67 20.52 -0.91
N GLU A 274 17.01 20.69 -2.18
CA GLU A 274 16.86 21.97 -2.87
C GLU A 274 15.40 22.26 -3.22
N PHE A 275 15.03 23.56 -3.29
CA PHE A 275 13.68 23.96 -3.68
C PHE A 275 13.52 23.85 -5.20
N VAL A 276 12.48 23.16 -5.65
CA VAL A 276 12.24 23.10 -7.08
C VAL A 276 10.84 23.69 -7.42
N PHE A 277 10.82 24.64 -8.37
CA PHE A 277 9.60 25.34 -8.73
C PHE A 277 9.26 25.11 -10.18
N LEU A 278 7.99 25.03 -10.49
CA LEU A 278 7.52 24.91 -11.84
C LEU A 278 7.42 26.33 -12.46
N ALA A 279 7.96 26.50 -13.68
CA ALA A 279 7.88 27.77 -14.40
C ALA A 279 7.38 27.53 -15.81
N ALA A 280 6.60 28.46 -16.34
CA ALA A 280 5.91 28.29 -17.62
C ALA A 280 6.51 29.11 -18.77
N TYR A 281 7.27 30.16 -18.45
CA TYR A 281 7.84 31.05 -19.46
C TYR A 281 9.38 30.93 -19.55
N PRO A 282 10.00 30.97 -20.76
CA PRO A 282 9.38 31.04 -22.12
C PRO A 282 8.69 29.74 -22.53
N HIS A 283 9.06 28.64 -21.84
CA HIS A 283 8.52 27.30 -22.05
C HIS A 283 8.44 26.62 -20.67
N THR A 284 7.67 25.53 -20.55
CA THR A 284 7.54 24.86 -19.25
C THR A 284 8.83 24.22 -18.83
N HIS A 285 9.30 24.56 -17.62
CA HIS A 285 10.53 24.00 -17.06
C HIS A 285 10.54 24.10 -15.55
N LEU A 286 11.44 23.35 -14.89
CA LEU A 286 11.62 23.43 -13.45
C LEU A 286 12.79 24.34 -13.11
N VAL A 287 12.62 25.16 -12.10
CA VAL A 287 13.66 26.03 -11.57
C VAL A 287 14.16 25.43 -10.26
N HIS A 288 15.47 25.35 -10.07
CA HIS A 288 16.05 24.79 -8.86
C HIS A 288 16.71 25.86 -8.03
N GLN A 289 16.60 25.76 -6.70
CA GLN A 289 17.20 26.72 -5.79
C GLN A 289 17.85 25.99 -4.63
N ALA A 290 19.09 26.38 -4.27
CA ALA A 290 19.82 25.75 -3.17
C ALA A 290 19.15 25.97 -1.82
N ASN A 291 19.31 25.00 -0.91
CA ASN A 291 18.79 25.09 0.46
C ASN A 291 19.93 24.68 1.43
N PRO A 292 21.05 25.46 1.49
CA PRO A 292 22.17 25.05 2.37
C PRO A 292 21.98 25.44 3.84
N ARG A 293 20.76 25.87 4.21
CA ARG A 293 20.41 26.21 5.59
C ARG A 293 19.03 25.63 5.95
N GLY A 294 18.65 25.76 7.22
CA GLY A 294 17.35 25.30 7.69
C GLY A 294 16.23 26.27 7.33
N SER A 295 15.88 26.33 6.02
CA SER A 295 14.84 27.24 5.52
C SER A 295 13.45 26.57 5.49
N ALA A 296 13.35 25.32 6.00
CA ALA A 296 12.10 24.56 6.15
C ALA A 296 11.34 24.30 4.83
N GLY A 297 12.07 23.99 3.77
CA GLY A 297 11.46 23.58 2.52
C GLY A 297 11.30 22.08 2.46
N PRO A 298 11.77 21.43 1.37
CA PRO A 298 11.76 19.95 1.34
C PRO A 298 12.76 19.37 2.37
N CYS A 299 12.60 18.09 2.73
CA CYS A 299 13.42 17.49 3.77
C CYS A 299 13.81 16.02 3.47
N CYS A 300 15.05 15.63 3.82
CA CYS A 300 15.59 14.30 3.52
C CYS A 300 15.06 13.22 4.48
N THR A 301 14.24 12.32 3.97
CA THR A 301 13.55 11.30 4.78
C THR A 301 13.51 9.96 4.02
N PRO A 302 13.28 8.81 4.72
CA PRO A 302 13.12 7.54 3.99
C PRO A 302 11.82 7.53 3.18
N THR A 303 11.89 7.10 1.91
CA THR A 303 10.71 6.98 1.03
C THR A 303 10.31 5.51 0.89
N LYS A 304 11.23 4.59 1.28
CA LYS A 304 10.96 3.16 1.30
C LYS A 304 11.66 2.52 2.49
N MET A 305 10.93 1.68 3.25
CA MET A 305 11.50 0.98 4.41
C MET A 305 11.11 -0.48 4.39
N SER A 306 11.95 -1.35 4.98
CA SER A 306 11.69 -2.78 4.99
C SER A 306 11.64 -3.37 6.40
N PRO A 307 10.94 -4.51 6.61
CA PRO A 307 10.90 -5.10 7.95
C PRO A 307 12.09 -6.01 8.24
N ILE A 308 12.23 -6.43 9.48
CA ILE A 308 13.22 -7.44 9.87
C ILE A 308 12.56 -8.46 10.76
N ASN A 309 12.98 -9.72 10.67
CA ASN A 309 12.45 -10.75 11.56
C ASN A 309 13.34 -10.85 12.78
N MET A 310 12.74 -10.93 13.98
CA MET A 310 13.53 -10.97 15.20
C MET A 310 13.13 -12.12 16.11
N LEU A 311 14.13 -12.87 16.60
CA LEU A 311 13.94 -13.92 17.59
C LEU A 311 14.45 -13.38 18.92
N TYR A 312 13.56 -13.18 19.90
CA TYR A 312 13.91 -12.51 21.14
C TYR A 312 13.22 -13.08 22.37
N PHE A 313 13.81 -12.83 23.55
CA PHE A 313 13.21 -13.13 24.84
C PHE A 313 12.34 -11.94 25.26
N ASN A 314 11.05 -12.17 25.53
CA ASN A 314 10.17 -11.07 25.90
C ASN A 314 10.29 -10.66 27.38
N GLY A 315 10.96 -11.51 28.17
CA GLY A 315 11.09 -11.29 29.60
C GLY A 315 9.92 -11.81 30.40
N LYS A 316 9.05 -12.61 29.74
CA LYS A 316 7.89 -13.20 30.38
C LYS A 316 7.90 -14.71 30.14
N GLU A 317 9.06 -15.37 30.41
CA GLU A 317 9.27 -16.82 30.24
C GLU A 317 8.97 -17.31 28.80
N GLN A 318 9.09 -16.40 27.80
CA GLN A 318 8.80 -16.71 26.40
C GLN A 318 9.88 -16.26 25.45
N ILE A 319 10.06 -17.00 24.34
CA ILE A 319 10.90 -16.61 23.22
C ILE A 319 9.96 -16.36 22.03
N ILE A 320 10.04 -15.17 21.44
CA ILE A 320 9.12 -14.78 20.36
C ILE A 320 9.86 -14.56 19.04
N TYR A 321 9.33 -15.15 17.95
CA TYR A 321 9.78 -14.86 16.60
C TYR A 321 8.73 -14.00 15.94
N GLY A 322 9.14 -12.84 15.45
CA GLY A 322 8.20 -11.90 14.87
C GLY A 322 8.76 -11.06 13.76
N LYS A 323 7.87 -10.29 13.09
CA LYS A 323 8.25 -9.40 12.00
C LYS A 323 8.09 -7.96 12.45
N ILE A 324 9.21 -7.21 12.53
CA ILE A 324 9.18 -5.80 12.93
C ILE A 324 9.22 -4.92 11.70
N PRO A 325 8.15 -4.16 11.43
CA PRO A 325 8.13 -3.34 10.20
C PRO A 325 9.02 -2.10 10.25
N ALA A 326 9.35 -1.54 9.06
CA ALA A 326 10.11 -0.28 8.90
C ALA A 326 11.34 -0.16 9.81
N MET A 327 12.22 -1.19 9.79
CA MET A 327 13.46 -1.17 10.58
C MET A 327 14.68 -0.89 9.70
N VAL A 328 14.52 -1.12 8.38
CA VAL A 328 15.59 -0.88 7.40
C VAL A 328 15.22 0.27 6.44
N VAL A 329 16.11 1.27 6.31
CA VAL A 329 15.90 2.33 5.31
C VAL A 329 16.39 1.79 3.99
N ASP A 330 15.51 1.74 2.98
CA ASP A 330 15.85 1.22 1.64
C ASP A 330 16.17 2.35 0.68
N ARG A 331 15.38 3.43 0.69
CA ARG A 331 15.56 4.56 -0.21
C ARG A 331 15.27 5.87 0.51
N CYS A 332 16.10 6.91 0.27
CA CYS A 332 15.88 8.24 0.83
C CYS A 332 15.36 9.15 -0.25
N GLY A 333 14.55 10.12 0.14
CA GLY A 333 14.00 11.10 -0.78
C GLY A 333 13.72 12.42 -0.12
N CYS A 334 13.28 13.40 -0.90
CA CYS A 334 12.95 14.70 -0.38
C CYS A 334 11.46 14.87 -0.24
N SER A 335 11.02 15.26 0.96
CA SER A 335 9.61 15.48 1.25
C SER A 335 9.43 16.74 2.13
N SER B 2 5.27 36.01 8.43
CA SER B 2 5.55 34.81 7.63
C SER B 2 6.89 34.16 8.03
N THR B 3 6.82 33.12 8.89
CA THR B 3 8.02 32.43 9.36
C THR B 3 8.39 31.25 8.45
N TRP B 4 9.05 30.21 9.01
CA TRP B 4 9.44 28.98 8.29
C TRP B 4 8.21 28.22 7.83
N ARG B 5 7.09 28.36 8.57
CA ARG B 5 5.81 27.72 8.27
C ARG B 5 5.23 28.19 6.92
N GLN B 6 5.27 29.51 6.65
CA GLN B 6 4.81 30.04 5.37
C GLN B 6 5.71 29.61 4.22
N ASN B 7 7.01 29.43 4.49
CA ASN B 7 7.95 28.89 3.50
C ASN B 7 7.64 27.41 3.22
N THR B 8 7.09 26.69 4.23
CA THR B 8 6.69 25.28 4.07
C THR B 8 5.37 25.19 3.29
N LYS B 9 4.46 26.17 3.51
CA LYS B 9 3.16 26.24 2.85
C LYS B 9 3.35 26.51 1.37
N SER B 10 4.25 27.46 1.02
CA SER B 10 4.58 27.83 -0.37
C SER B 10 5.19 26.66 -1.12
N SER B 11 6.23 26.02 -0.53
CA SER B 11 6.90 24.89 -1.17
C SER B 11 5.96 23.68 -1.34
N ARG B 12 4.91 23.58 -0.49
CA ARG B 12 3.91 22.52 -0.62
C ARG B 12 3.03 22.76 -1.86
N ILE B 13 2.66 24.02 -2.12
CA ILE B 13 1.89 24.42 -3.31
C ILE B 13 2.69 24.14 -4.60
N GLU B 14 4.00 24.43 -4.58
CA GLU B 14 4.88 24.16 -5.72
C GLU B 14 5.05 22.65 -5.95
N ALA B 15 5.08 21.88 -4.86
CA ALA B 15 5.21 20.42 -4.92
C ALA B 15 3.96 19.79 -5.49
N ILE B 16 2.77 20.27 -5.07
CA ILE B 16 1.48 19.77 -5.57
C ILE B 16 1.37 19.99 -7.08
N LYS B 17 1.80 21.18 -7.57
CA LYS B 17 1.78 21.54 -8.99
C LYS B 17 2.63 20.57 -9.81
N ILE B 18 3.88 20.31 -9.35
CA ILE B 18 4.79 19.37 -10.02
C ILE B 18 4.24 17.92 -9.93
N GLN B 19 3.71 17.55 -8.76
CA GLN B 19 3.16 16.20 -8.53
C GLN B 19 1.98 15.92 -9.43
N ILE B 20 1.06 16.88 -9.58
CA ILE B 20 -0.13 16.69 -10.42
C ILE B 20 0.24 16.36 -11.88
N LEU B 21 1.12 17.15 -12.51
CA LEU B 21 1.53 16.87 -13.89
C LEU B 21 2.34 15.58 -13.97
N SER B 22 3.24 15.35 -13.00
CA SER B 22 4.07 14.14 -12.98
C SER B 22 3.23 12.85 -12.84
N LYS B 23 2.30 12.83 -11.87
CA LYS B 23 1.45 11.66 -11.60
C LYS B 23 0.43 11.41 -12.72
N LEU B 24 0.01 12.50 -13.42
CA LEU B 24 -0.94 12.40 -14.54
C LEU B 24 -0.21 12.14 -15.87
N ARG B 25 1.13 11.99 -15.81
CA ARG B 25 2.00 11.74 -16.99
C ARG B 25 1.87 12.84 -18.05
N LEU B 26 1.85 14.11 -17.58
CA LEU B 26 1.77 15.29 -18.44
C LEU B 26 3.09 16.03 -18.39
N GLU B 27 3.70 16.29 -19.55
CA GLU B 27 4.96 17.05 -19.61
C GLU B 27 4.70 18.53 -19.26
N THR B 28 3.57 19.08 -19.72
CA THR B 28 3.17 20.46 -19.47
C THR B 28 1.68 20.49 -19.11
N ALA B 29 1.21 21.58 -18.48
CA ALA B 29 -0.22 21.74 -18.19
C ALA B 29 -0.96 21.95 -19.51
N PRO B 30 -1.96 21.10 -19.84
CA PRO B 30 -2.69 21.28 -21.10
C PRO B 30 -3.12 22.73 -21.37
N ASN B 31 -2.85 23.22 -22.58
CA ASN B 31 -3.16 24.60 -22.97
C ASN B 31 -4.58 24.68 -23.55
N ILE B 32 -5.59 24.65 -22.66
CA ILE B 32 -7.00 24.70 -23.05
C ILE B 32 -7.71 25.83 -22.27
N SER B 33 -8.19 26.86 -22.98
CA SER B 33 -8.89 27.99 -22.37
C SER B 33 -10.32 27.58 -21.95
N LYS B 34 -10.99 28.44 -21.15
CA LYS B 34 -12.40 28.20 -20.75
C LYS B 34 -13.30 28.28 -21.97
N ASP B 35 -12.92 29.11 -22.99
CA ASP B 35 -13.68 29.25 -24.25
C ASP B 35 -13.68 27.95 -25.04
N VAL B 36 -12.54 27.25 -25.08
CA VAL B 36 -12.42 25.94 -25.76
C VAL B 36 -13.13 24.84 -24.95
N ILE B 37 -13.04 24.91 -23.61
CA ILE B 37 -13.73 23.94 -22.72
C ILE B 37 -15.27 24.02 -22.92
N ARG B 38 -15.82 25.25 -23.09
CA ARG B 38 -17.26 25.46 -23.33
C ARG B 38 -17.74 24.69 -24.59
N GLN B 39 -16.91 24.64 -25.62
CA GLN B 39 -17.23 23.92 -26.86
C GLN B 39 -17.05 22.42 -26.72
N LEU B 40 -15.98 21.97 -26.03
CA LEU B 40 -15.60 20.56 -25.97
C LEU B 40 -16.19 19.77 -24.80
N LEU B 41 -16.55 20.43 -23.68
CA LEU B 41 -17.09 19.71 -22.52
C LEU B 41 -18.54 19.30 -22.79
N PRO B 42 -18.83 17.99 -22.87
CA PRO B 42 -20.21 17.56 -23.17
C PRO B 42 -21.23 17.92 -22.09
N LYS B 43 -22.38 18.48 -22.51
CA LYS B 43 -23.50 18.82 -21.62
C LYS B 43 -24.38 17.59 -21.47
N ALA B 44 -23.79 16.47 -21.01
CA ALA B 44 -24.48 15.18 -21.00
C ALA B 44 -24.58 14.56 -19.59
N PRO B 45 -25.52 13.59 -19.38
CA PRO B 45 -25.63 12.94 -18.05
C PRO B 45 -24.30 12.37 -17.47
N PRO B 46 -23.42 11.63 -18.25
CA PRO B 46 -22.17 11.12 -17.64
C PRO B 46 -21.24 12.21 -17.05
N LEU B 47 -21.17 13.40 -17.70
CA LEU B 47 -20.34 14.51 -17.18
C LEU B 47 -20.98 15.11 -15.96
N ARG B 48 -22.30 15.41 -16.03
CA ARG B 48 -23.04 15.96 -14.90
C ARG B 48 -22.90 15.07 -13.69
N GLU B 49 -23.04 13.73 -13.89
CA GLU B 49 -22.88 12.73 -12.83
C GLU B 49 -21.48 12.80 -12.20
N LEU B 50 -20.42 12.69 -13.03
CA LEU B 50 -19.01 12.74 -12.57
C LEU B 50 -18.72 14.02 -11.79
N ILE B 51 -19.34 15.16 -12.20
CA ILE B 51 -19.18 16.45 -11.53
C ILE B 51 -19.97 16.53 -10.21
N ASP B 52 -21.24 16.05 -10.21
CA ASP B 52 -22.11 16.08 -9.02
C ASP B 52 -21.57 15.24 -7.84
N GLN B 53 -20.66 14.25 -8.11
CA GLN B 53 -20.05 13.41 -7.06
C GLN B 53 -19.28 14.26 -6.03
N TYR B 54 -18.78 15.44 -6.45
CA TYR B 54 -17.98 16.32 -5.58
C TYR B 54 -18.84 17.14 -4.61
N ASP B 55 -20.18 17.14 -4.80
CA ASP B 55 -21.11 17.83 -3.89
C ASP B 55 -21.26 17.04 -2.58
N VAL B 56 -21.25 15.69 -2.66
CA VAL B 56 -21.37 14.81 -1.49
C VAL B 56 -20.06 14.81 -0.68
N GLU B 67 -8.65 0.26 7.99
CA GLU B 67 -7.90 0.29 9.24
C GLU B 67 -6.85 -0.84 9.29
N ASP B 68 -5.58 -0.49 9.54
CA ASP B 68 -4.49 -1.49 9.60
C ASP B 68 -3.35 -1.03 10.51
N ASP B 69 -2.85 -1.95 11.35
CA ASP B 69 -1.72 -1.69 12.26
C ASP B 69 -0.41 -2.05 11.53
N ASP B 70 0.29 -1.01 11.02
CA ASP B 70 1.54 -1.19 10.27
C ASP B 70 2.75 -0.73 11.09
N TYR B 71 2.56 -0.52 12.41
CA TYR B 71 3.61 -0.05 13.31
C TYR B 71 4.18 -1.16 14.19
N HIS B 72 3.32 -1.82 14.99
CA HIS B 72 3.77 -2.86 15.93
C HIS B 72 4.14 -4.16 15.23
N ALA B 73 5.00 -4.96 15.88
CA ALA B 73 5.47 -6.24 15.33
C ALA B 73 4.38 -7.31 15.31
N THR B 74 4.49 -8.28 14.39
CA THR B 74 3.52 -9.39 14.28
C THR B 74 4.18 -10.70 14.74
N THR B 75 3.68 -11.28 15.86
CA THR B 75 4.24 -12.51 16.43
C THR B 75 3.83 -13.75 15.62
N GLU B 76 4.80 -14.44 15.00
CA GLU B 76 4.54 -15.65 14.21
C GLU B 76 4.65 -16.92 15.07
N THR B 77 5.71 -17.03 15.89
CA THR B 77 5.93 -18.18 16.77
C THR B 77 6.21 -17.74 18.20
N ILE B 78 5.62 -18.46 19.17
CA ILE B 78 5.83 -18.24 20.60
C ILE B 78 6.39 -19.51 21.22
N ILE B 79 7.53 -19.40 21.90
CA ILE B 79 8.16 -20.52 22.60
C ILE B 79 8.11 -20.25 24.09
N THR B 80 7.40 -21.09 24.83
CA THR B 80 7.24 -20.88 26.26
C THR B 80 7.91 -21.97 27.08
N MET B 81 8.77 -21.57 28.02
CA MET B 81 9.41 -22.48 28.96
C MET B 81 8.51 -22.64 30.19
N PRO B 82 8.68 -23.70 31.01
CA PRO B 82 7.82 -23.83 32.19
C PRO B 82 8.16 -22.80 33.27
N THR B 83 7.12 -22.22 33.93
CA THR B 83 7.29 -21.23 35.01
C THR B 83 7.94 -21.86 36.24
N GLU B 84 8.85 -21.14 36.90
CA GLU B 84 9.54 -21.64 38.09
C GLU B 84 8.93 -21.08 39.37
N PRO B 95 9.57 -29.24 44.49
CA PRO B 95 9.53 -28.78 43.09
C PRO B 95 8.48 -29.53 42.27
N LYS B 96 7.79 -28.82 41.35
CA LYS B 96 6.77 -29.42 40.48
C LYS B 96 6.95 -29.01 39.03
N CYS B 97 6.51 -29.87 38.08
CA CYS B 97 6.61 -29.59 36.65
C CYS B 97 5.44 -30.27 35.87
N CYS B 98 4.90 -29.61 34.80
CA CYS B 98 5.33 -28.29 34.30
C CYS B 98 4.12 -27.37 34.11
N PHE B 99 4.24 -26.11 34.55
CA PHE B 99 3.17 -25.12 34.39
C PHE B 99 3.60 -24.06 33.39
N PHE B 100 2.72 -23.68 32.45
CA PHE B 100 3.10 -22.74 31.39
C PHE B 100 2.50 -21.32 31.56
N LYS B 101 3.05 -20.33 30.79
CA LYS B 101 2.74 -18.88 30.90
C LYS B 101 1.25 -18.51 30.79
N PHE B 102 0.93 -17.26 31.18
CA PHE B 102 -0.43 -16.74 31.23
C PHE B 102 -0.44 -15.20 30.95
N SER B 103 0.73 -14.63 30.56
CA SER B 103 0.87 -13.19 30.35
C SER B 103 0.48 -12.75 28.92
N SER B 104 1.08 -13.40 27.89
CA SER B 104 0.83 -13.03 26.47
C SER B 104 -0.61 -13.32 26.05
N LYS B 105 -1.24 -12.36 25.31
CA LYS B 105 -2.63 -12.50 24.84
C LYS B 105 -2.68 -13.30 23.53
N ILE B 106 -3.40 -14.45 23.54
CA ILE B 106 -3.53 -15.31 22.36
C ILE B 106 -4.99 -15.70 22.09
N GLN B 107 -5.38 -15.77 20.81
CA GLN B 107 -6.75 -16.09 20.41
C GLN B 107 -6.99 -17.62 20.33
N TYR B 108 -8.27 -18.01 20.48
CA TYR B 108 -8.71 -19.41 20.44
C TYR B 108 -8.57 -20.03 19.02
N ASN B 109 -8.77 -19.20 17.97
CA ASN B 109 -8.79 -19.64 16.57
C ASN B 109 -7.57 -19.14 15.77
N LYS B 110 -6.68 -18.38 16.42
CA LYS B 110 -5.47 -17.87 15.78
C LYS B 110 -4.33 -18.90 15.84
N VAL B 111 -4.48 -19.95 16.66
CA VAL B 111 -3.46 -21.00 16.80
C VAL B 111 -3.42 -21.91 15.57
N VAL B 112 -2.27 -21.94 14.89
CA VAL B 112 -2.05 -22.72 13.67
C VAL B 112 -1.41 -24.07 14.03
N LYS B 113 -0.51 -24.07 15.02
CA LYS B 113 0.24 -25.25 15.45
C LYS B 113 0.66 -25.08 16.91
N ALA B 114 0.60 -26.15 17.71
CA ALA B 114 1.06 -26.12 19.10
C ALA B 114 1.70 -27.44 19.46
N GLN B 115 3.02 -27.44 19.65
CA GLN B 115 3.75 -28.69 19.93
C GLN B 115 4.55 -28.60 21.21
N LEU B 116 4.46 -29.65 22.04
CA LEU B 116 5.21 -29.72 23.29
C LEU B 116 6.50 -30.50 23.06
N TRP B 117 7.65 -29.82 23.23
CA TRP B 117 8.94 -30.48 23.01
C TRP B 117 9.55 -30.95 24.31
N ILE B 118 9.99 -32.23 24.33
CA ILE B 118 10.62 -32.82 25.51
C ILE B 118 11.93 -33.52 25.12
N TYR B 119 12.95 -33.43 25.99
CA TYR B 119 14.23 -34.09 25.73
C TYR B 119 14.36 -35.37 26.57
N LEU B 120 14.74 -36.46 25.91
CA LEU B 120 14.97 -37.72 26.59
C LEU B 120 16.45 -37.93 26.73
N ARG B 121 16.92 -38.13 27.95
CA ARG B 121 18.36 -38.31 28.25
C ARG B 121 18.94 -39.56 27.53
N PRO B 122 20.25 -39.55 27.17
CA PRO B 122 20.85 -40.75 26.54
C PRO B 122 20.82 -41.97 27.46
N VAL B 123 20.58 -43.17 26.89
CA VAL B 123 20.49 -44.42 27.66
C VAL B 123 21.81 -45.19 27.70
N GLU B 124 22.09 -45.89 28.80
CA GLU B 124 23.32 -46.69 28.97
C GLU B 124 23.20 -48.00 28.19
N THR B 125 22.01 -48.63 28.25
CA THR B 125 21.71 -49.86 27.51
C THR B 125 20.44 -49.66 26.67
N PRO B 126 20.27 -50.37 25.52
CA PRO B 126 19.06 -50.17 24.70
C PRO B 126 17.79 -50.60 25.43
N THR B 127 16.79 -49.70 25.53
CA THR B 127 15.52 -49.99 26.23
C THR B 127 14.32 -49.40 25.48
N THR B 128 13.10 -49.78 25.90
CA THR B 128 11.86 -49.20 25.41
C THR B 128 11.46 -48.05 26.34
N VAL B 129 11.03 -46.94 25.78
CA VAL B 129 10.65 -45.77 26.55
C VAL B 129 9.15 -45.54 26.45
N PHE B 130 8.46 -45.50 27.60
CA PHE B 130 7.04 -45.20 27.64
C PHE B 130 6.82 -43.75 28.00
N VAL B 131 6.49 -42.93 27.00
CA VAL B 131 6.24 -41.51 27.20
C VAL B 131 4.75 -41.28 27.51
N GLN B 132 4.46 -40.53 28.57
CA GLN B 132 3.10 -40.25 28.99
C GLN B 132 2.92 -38.78 29.33
N ILE B 133 2.04 -38.08 28.58
CA ILE B 133 1.72 -36.67 28.85
C ILE B 133 0.28 -36.56 29.32
N LEU B 134 0.08 -35.89 30.47
CA LEU B 134 -1.25 -35.75 31.06
C LEU B 134 -1.55 -34.30 31.40
N ARG B 135 -2.78 -33.85 31.13
CA ARG B 135 -3.19 -32.50 31.53
C ARG B 135 -3.81 -32.50 32.92
N LEU B 136 -3.21 -31.73 33.84
CA LEU B 136 -3.60 -31.66 35.24
C LEU B 136 -4.83 -30.76 35.44
N ILE B 137 -5.75 -31.19 36.34
CA ILE B 137 -6.94 -30.42 36.70
C ILE B 137 -6.95 -30.13 38.21
N ARG B 145 -9.22 -35.49 38.04
CA ARG B 145 -8.18 -34.48 38.24
C ARG B 145 -7.01 -34.68 37.24
N TYR B 146 -7.07 -35.74 36.42
CA TYR B 146 -6.03 -36.05 35.42
C TYR B 146 -6.66 -36.60 34.14
N THR B 147 -6.31 -36.01 32.99
CA THR B 147 -6.80 -36.47 31.69
C THR B 147 -5.67 -36.69 30.71
N GLY B 148 -5.62 -37.89 30.13
CA GLY B 148 -4.59 -38.26 29.17
C GLY B 148 -4.68 -37.53 27.85
N ILE B 149 -3.55 -37.01 27.35
CA ILE B 149 -3.54 -36.35 26.04
C ILE B 149 -2.74 -37.15 25.02
N ARG B 150 -1.54 -37.68 25.40
CA ARG B 150 -0.77 -38.52 24.49
C ARG B 150 0.07 -39.58 25.21
N SER B 151 0.21 -40.75 24.58
CA SER B 151 1.03 -41.85 25.09
C SER B 151 1.92 -42.37 23.97
N LEU B 152 3.22 -42.45 24.22
CA LEU B 152 4.16 -42.88 23.19
C LEU B 152 4.99 -44.07 23.61
N LYS B 153 5.37 -44.90 22.65
CA LYS B 153 6.28 -46.01 22.84
C LYS B 153 7.49 -45.77 21.96
N LEU B 154 8.65 -45.64 22.57
CA LEU B 154 9.90 -45.32 21.87
C LEU B 154 10.88 -46.45 22.02
N ASP B 155 11.81 -46.56 21.10
CA ASP B 155 12.93 -47.47 21.24
C ASP B 155 14.22 -46.66 21.23
N MET B 156 14.96 -46.67 22.34
CA MET B 156 16.18 -45.88 22.46
C MET B 156 17.42 -46.75 22.54
N ASN B 157 18.48 -46.34 21.82
CA ASN B 157 19.76 -47.05 21.80
C ASN B 157 20.85 -46.15 22.38
N PRO B 158 21.95 -46.72 22.97
CA PRO B 158 23.00 -45.86 23.55
C PRO B 158 23.69 -44.98 22.50
N GLY B 159 24.11 -43.78 22.92
CA GLY B 159 24.78 -42.84 22.03
C GLY B 159 24.45 -41.39 22.30
N THR B 160 23.18 -41.01 22.11
CA THR B 160 22.73 -39.64 22.34
C THR B 160 21.28 -39.56 22.79
N GLY B 161 20.92 -38.45 23.42
CA GLY B 161 19.55 -38.16 23.80
C GLY B 161 18.74 -37.69 22.60
N ILE B 162 17.39 -37.72 22.70
CA ILE B 162 16.53 -37.37 21.56
C ILE B 162 15.43 -36.37 21.94
N TRP B 163 15.05 -35.48 20.99
CA TRP B 163 13.95 -34.52 21.18
C TRP B 163 12.66 -35.11 20.65
N GLN B 164 11.62 -35.14 21.47
CA GLN B 164 10.32 -35.63 21.07
C GLN B 164 9.31 -34.49 21.08
N SER B 165 8.60 -34.29 19.96
CA SER B 165 7.57 -33.26 19.85
C SER B 165 6.18 -33.90 19.91
N ILE B 166 5.29 -33.34 20.74
CA ILE B 166 3.95 -33.87 20.94
C ILE B 166 2.90 -32.85 20.55
N ASP B 167 1.98 -33.22 19.64
CA ASP B 167 0.89 -32.35 19.21
C ASP B 167 -0.04 -32.05 20.39
N VAL B 168 -0.19 -30.76 20.73
CA VAL B 168 -1.04 -30.33 21.86
C VAL B 168 -1.99 -29.19 21.42
N LYS B 169 -2.23 -29.06 20.08
CA LYS B 169 -3.07 -27.99 19.52
C LYS B 169 -4.50 -28.00 20.11
N THR B 170 -5.15 -29.18 20.15
CA THR B 170 -6.51 -29.31 20.70
C THR B 170 -6.56 -28.87 22.17
N VAL B 171 -5.59 -29.33 22.99
CA VAL B 171 -5.52 -29.00 24.41
C VAL B 171 -5.23 -27.50 24.63
N LEU B 172 -4.22 -26.94 23.90
CA LEU B 172 -3.85 -25.52 24.02
C LEU B 172 -5.05 -24.59 23.80
N GLN B 173 -5.92 -24.92 22.81
CA GLN B 173 -7.12 -24.15 22.52
C GLN B 173 -8.15 -24.29 23.65
N ASN B 174 -8.31 -25.54 24.18
CA ASN B 174 -9.26 -25.83 25.27
C ASN B 174 -8.98 -25.00 26.53
N TRP B 175 -7.69 -24.75 26.84
CA TRP B 175 -7.32 -23.96 28.02
C TRP B 175 -7.41 -22.44 27.76
N LEU B 176 -7.36 -22.02 26.47
CA LEU B 176 -7.45 -20.60 26.09
C LEU B 176 -8.86 -20.04 26.35
N ALA B 177 -9.89 -20.91 26.31
CA ALA B 177 -11.28 -20.51 26.59
C ALA B 177 -11.62 -20.68 28.10
N ALA B 178 -10.60 -20.55 28.98
CA ALA B 178 -10.77 -20.65 30.43
C ALA B 178 -10.14 -19.47 31.16
N GLY B 184 -1.32 -26.83 33.49
CA GLY B 184 -0.37 -27.76 34.08
C GLY B 184 -0.27 -29.07 33.33
N ILE B 185 0.95 -29.45 32.91
CA ILE B 185 1.18 -30.68 32.14
C ILE B 185 2.21 -31.58 32.83
N GLU B 186 1.82 -32.83 33.13
CA GLU B 186 2.74 -33.80 33.70
C GLU B 186 3.45 -34.56 32.58
N ILE B 187 4.79 -34.67 32.66
CA ILE B 187 5.57 -35.33 31.62
C ILE B 187 6.36 -36.52 32.20
N LYS B 188 6.11 -37.72 31.66
CA LYS B 188 6.82 -38.92 32.09
C LYS B 188 7.41 -39.65 30.88
N ALA B 189 8.64 -40.12 31.01
CA ALA B 189 9.30 -40.91 29.96
C ALA B 189 10.15 -41.96 30.60
N LEU B 190 9.54 -43.10 30.95
CA LEU B 190 10.20 -44.16 31.72
C LEU B 190 10.78 -45.24 30.84
N ASP B 191 11.99 -45.70 31.17
CA ASP B 191 12.62 -46.82 30.46
C ASP B 191 12.19 -48.17 31.10
N GLU B 192 12.82 -49.29 30.67
CA GLU B 192 12.49 -50.63 31.16
C GLU B 192 12.78 -50.84 32.66
N ASN B 193 13.62 -49.97 33.25
CA ASN B 193 14.01 -50.08 34.67
C ASN B 193 13.21 -49.13 35.59
N GLY B 194 12.36 -48.29 35.00
CA GLY B 194 11.55 -47.33 35.74
C GLY B 194 12.20 -45.98 35.93
N HIS B 195 13.39 -45.77 35.32
CA HIS B 195 14.09 -44.49 35.39
C HIS B 195 13.48 -43.50 34.41
N ASP B 196 13.22 -42.26 34.86
CA ASP B 196 12.64 -41.23 34.00
C ASP B 196 13.72 -40.52 33.20
N LEU B 197 13.61 -40.57 31.87
CA LEU B 197 14.58 -39.98 30.95
C LEU B 197 14.24 -38.56 30.54
N ALA B 198 12.97 -38.15 30.71
CA ALA B 198 12.52 -36.79 30.34
C ALA B 198 13.15 -35.74 31.22
N VAL B 199 13.73 -34.68 30.60
CA VAL B 199 14.30 -33.55 31.33
C VAL B 199 13.20 -32.52 31.62
N THR B 200 12.77 -32.41 32.89
CA THR B 200 11.75 -31.41 33.30
C THR B 200 12.46 -30.28 34.05
N PHE B 201 13.03 -30.59 35.23
CA PHE B 201 13.90 -29.68 35.96
C PHE B 201 15.33 -30.06 35.61
N PRO B 202 16.03 -29.22 34.79
CA PRO B 202 17.35 -29.65 34.29
C PRO B 202 18.44 -29.69 35.35
N GLY B 203 19.13 -30.82 35.41
CA GLY B 203 20.28 -31.01 36.29
C GLY B 203 21.53 -30.34 35.74
N PRO B 204 22.71 -30.64 36.32
CA PRO B 204 23.94 -29.98 35.81
C PRO B 204 24.31 -30.44 34.39
N GLY B 205 24.62 -29.46 33.54
CA GLY B 205 24.99 -29.71 32.15
C GLY B 205 23.81 -30.02 31.24
N GLU B 206 22.58 -29.66 31.67
CA GLU B 206 21.36 -29.89 30.88
C GLU B 206 20.74 -28.55 30.46
N ASP B 207 21.58 -27.61 30.02
CA ASP B 207 21.15 -26.27 29.61
C ASP B 207 20.42 -26.30 28.28
N GLY B 208 19.23 -25.71 28.24
CA GLY B 208 18.41 -25.67 27.04
C GLY B 208 17.80 -27.00 26.67
N LEU B 209 17.61 -27.88 27.68
CA LEU B 209 17.01 -29.19 27.47
C LEU B 209 15.67 -29.30 28.21
N ASN B 210 15.18 -28.17 28.75
CA ASN B 210 13.90 -28.09 29.46
C ASN B 210 12.74 -28.30 28.49
N PRO B 211 11.53 -28.74 28.97
CA PRO B 211 10.39 -28.85 28.05
C PRO B 211 9.91 -27.46 27.64
N PHE B 212 9.29 -27.37 26.46
CA PHE B 212 8.77 -26.09 26.01
C PHE B 212 7.62 -26.25 25.04
N LEU B 213 6.76 -25.24 24.96
CA LEU B 213 5.65 -25.21 24.01
C LEU B 213 6.05 -24.38 22.81
N GLU B 214 5.91 -24.92 21.61
CA GLU B 214 6.14 -24.17 20.39
C GLU B 214 4.79 -23.90 19.77
N VAL B 215 4.33 -22.64 19.81
CA VAL B 215 3.02 -22.27 19.30
C VAL B 215 3.14 -21.33 18.09
N LYS B 216 2.61 -21.75 16.93
CA LYS B 216 2.60 -20.91 15.74
C LYS B 216 1.22 -20.24 15.60
N VAL B 217 1.19 -18.91 15.44
CA VAL B 217 -0.07 -18.16 15.35
C VAL B 217 -0.12 -17.23 14.14
N THR B 218 -1.36 -16.93 13.65
CA THR B 218 -1.59 -15.97 12.56
C THR B 218 -2.18 -14.68 13.13
N ASP B 219 -1.32 -13.73 13.55
CA ASP B 219 -1.79 -12.48 14.16
C ASP B 219 -1.11 -11.26 13.53
N THR B 220 -1.91 -10.35 12.94
CA THR B 220 -1.41 -9.14 12.29
C THR B 220 -1.19 -8.00 13.30
N PHE B 228 -5.01 8.96 14.59
CA PHE B 228 -4.23 9.80 15.47
C PHE B 228 -3.49 10.92 14.70
N GLY B 229 -2.46 11.50 15.33
CA GLY B 229 -1.70 12.61 14.76
C GLY B 229 -1.93 13.93 15.47
N LEU B 230 -1.12 14.95 15.14
CA LEU B 230 -1.25 16.29 15.72
C LEU B 230 -1.74 17.29 14.65
N ASP B 231 -2.90 17.95 14.90
CA ASP B 231 -3.48 18.95 13.98
C ASP B 231 -3.41 20.35 14.58
N CYS B 232 -3.00 21.36 13.77
CA CYS B 232 -2.89 22.75 14.21
C CYS B 232 -3.64 23.66 13.30
N ASP B 233 -3.97 24.87 13.77
CA ASP B 233 -4.53 25.93 12.96
C ASP B 233 -3.39 26.84 12.42
N GLU B 234 -3.65 27.62 11.35
CA GLU B 234 -2.62 28.46 10.70
C GLU B 234 -1.82 29.37 11.65
N HIS B 235 -2.45 29.84 12.73
CA HIS B 235 -1.80 30.78 13.65
C HIS B 235 -1.41 30.11 14.98
N SER B 236 -1.27 28.77 14.97
CA SER B 236 -0.90 28.01 16.15
C SER B 236 0.50 28.40 16.62
N THR B 237 0.68 28.47 17.94
CA THR B 237 1.99 28.76 18.54
C THR B 237 2.79 27.45 18.73
N GLU B 238 2.18 26.29 18.33
CA GLU B 238 2.79 24.96 18.43
C GLU B 238 4.10 24.88 17.67
N SER B 239 5.16 24.40 18.33
CA SER B 239 6.50 24.30 17.74
C SER B 239 6.79 22.89 17.24
N ARG B 240 6.04 21.89 17.76
CA ARG B 240 6.22 20.49 17.38
C ARG B 240 5.72 20.22 15.96
N CYS B 241 6.15 19.07 15.38
CA CYS B 241 5.68 18.64 14.07
C CYS B 241 4.14 18.51 14.06
N CYS B 242 3.49 19.27 13.20
CA CYS B 242 2.05 19.36 13.19
C CYS B 242 1.50 19.42 11.76
N ARG B 243 0.22 19.02 11.59
CA ARG B 243 -0.49 19.16 10.31
C ARG B 243 -1.29 20.45 10.32
N TYR B 244 -1.07 21.28 9.30
CA TYR B 244 -1.74 22.58 9.15
C TYR B 244 -2.67 22.58 7.92
N PRO B 245 -3.71 23.44 7.92
CA PRO B 245 -4.64 23.45 6.77
C PRO B 245 -4.09 24.14 5.53
N LEU B 246 -4.45 23.62 4.34
CA LEU B 246 -4.10 24.23 3.07
C LEU B 246 -5.10 23.81 2.02
N THR B 247 -5.76 24.80 1.40
CA THR B 247 -6.71 24.57 0.33
C THR B 247 -6.08 24.96 -1.00
N VAL B 248 -6.01 24.02 -1.93
CA VAL B 248 -5.45 24.26 -3.24
C VAL B 248 -6.56 24.65 -4.19
N ASP B 249 -6.44 25.87 -4.79
CA ASP B 249 -7.43 26.40 -5.74
C ASP B 249 -6.86 26.41 -7.16
N PHE B 250 -7.30 25.44 -8.02
CA PHE B 250 -6.78 25.31 -9.39
C PHE B 250 -7.14 26.49 -10.28
N GLU B 251 -8.27 27.18 -9.96
CA GLU B 251 -8.69 28.39 -10.69
C GLU B 251 -7.69 29.52 -10.45
N ALA B 252 -7.11 29.56 -9.23
CA ALA B 252 -6.10 30.55 -8.86
C ALA B 252 -4.80 30.33 -9.63
N PHE B 253 -4.49 29.06 -10.00
CA PHE B 253 -3.31 28.74 -10.81
C PHE B 253 -3.57 29.05 -12.28
N GLY B 254 -4.86 29.08 -12.65
CA GLY B 254 -5.28 29.25 -14.03
C GLY B 254 -5.37 27.92 -14.74
N TRP B 255 -5.39 26.82 -13.96
CA TRP B 255 -5.46 25.46 -14.48
C TRP B 255 -6.92 25.06 -14.77
N ASP B 256 -7.48 25.65 -15.81
CA ASP B 256 -8.88 25.43 -16.21
C ASP B 256 -9.10 24.06 -16.86
N TRP B 257 -8.00 23.36 -17.24
CA TRP B 257 -8.07 22.02 -17.81
C TRP B 257 -8.55 20.99 -16.77
N ILE B 258 -8.47 21.35 -15.47
CA ILE B 258 -9.03 20.55 -14.39
C ILE B 258 -10.50 20.94 -14.18
N ILE B 259 -11.43 20.03 -14.54
CA ILE B 259 -12.87 20.30 -14.43
C ILE B 259 -13.31 20.17 -12.98
N ALA B 260 -12.84 19.13 -12.30
CA ALA B 260 -13.18 18.87 -10.91
C ALA B 260 -12.08 18.03 -10.25
N PRO B 261 -11.73 18.30 -8.98
CA PRO B 261 -12.28 19.35 -8.12
C PRO B 261 -11.67 20.72 -8.43
N LYS B 262 -12.43 21.80 -8.28
CA LYS B 262 -11.90 23.14 -8.50
C LYS B 262 -11.02 23.56 -7.31
N ARG B 263 -11.30 22.98 -6.14
CA ARG B 263 -10.58 23.22 -4.91
C ARG B 263 -10.48 21.91 -4.16
N TYR B 264 -9.42 21.73 -3.36
CA TYR B 264 -9.31 20.57 -2.46
C TYR B 264 -8.43 20.85 -1.27
N LYS B 265 -8.74 20.23 -0.13
CA LYS B 265 -7.97 20.41 1.10
C LYS B 265 -6.75 19.47 1.09
N ALA B 266 -5.56 20.04 0.85
CA ALA B 266 -4.31 19.29 0.67
C ALA B 266 -3.54 19.15 1.97
N ASN B 267 -3.54 20.21 2.80
CA ASN B 267 -2.80 20.31 4.07
C ASN B 267 -1.28 20.23 3.89
N TYR B 268 -0.52 20.49 4.96
CA TYR B 268 0.94 20.38 4.95
C TYR B 268 1.46 20.15 6.34
N CYS B 269 2.72 19.71 6.44
CA CYS B 269 3.41 19.44 7.70
C CYS B 269 4.38 20.55 8.00
N SER B 270 4.45 20.96 9.26
CA SER B 270 5.45 21.93 9.70
C SER B 270 5.68 21.74 11.18
N GLY B 271 6.90 21.99 11.64
CA GLY B 271 7.25 21.86 13.04
C GLY B 271 8.58 21.20 13.30
N GLU B 272 9.05 21.34 14.52
CA GLU B 272 10.35 20.84 14.95
C GLU B 272 10.27 19.41 15.46
N CYS B 273 11.29 18.60 15.12
CA CYS B 273 11.41 17.23 15.58
C CYS B 273 12.62 17.11 16.48
N GLU B 274 12.41 16.80 17.77
CA GLU B 274 13.52 16.66 18.73
C GLU B 274 13.18 15.66 19.84
N GLY B 297 13.12 10.40 13.88
CA GLY B 297 13.85 11.22 12.92
C GLY B 297 13.75 12.71 13.20
N PRO B 298 14.67 13.53 12.62
CA PRO B 298 14.63 14.97 12.87
C PRO B 298 13.98 15.71 11.69
N CYS B 299 12.83 15.18 11.20
CA CYS B 299 12.22 15.68 9.99
C CYS B 299 10.68 15.55 9.99
N CYS B 300 9.95 16.69 10.02
CA CYS B 300 8.49 16.70 9.98
C CYS B 300 7.98 16.43 8.55
N THR B 301 7.39 15.25 8.34
CA THR B 301 6.92 14.81 7.03
C THR B 301 5.55 14.11 7.16
N PRO B 302 4.79 13.95 6.04
CA PRO B 302 3.55 13.16 6.12
C PRO B 302 3.84 11.67 6.37
N THR B 303 3.11 11.06 7.31
CA THR B 303 3.24 9.62 7.59
C THR B 303 2.03 8.85 7.03
N LYS B 304 0.96 9.60 6.68
CA LYS B 304 -0.22 9.05 6.01
C LYS B 304 -0.74 10.04 4.98
N MET B 305 -1.01 9.55 3.77
CA MET B 305 -1.54 10.39 2.69
C MET B 305 -2.71 9.70 2.01
N SER B 306 -3.64 10.47 1.45
CA SER B 306 -4.80 9.91 0.77
C SER B 306 -4.93 10.41 -0.69
N PRO B 307 -5.66 9.67 -1.56
CA PRO B 307 -5.76 10.09 -2.95
C PRO B 307 -6.88 11.10 -3.19
N ILE B 308 -6.91 11.69 -4.40
CA ILE B 308 -8.02 12.52 -4.86
C ILE B 308 -8.47 12.03 -6.22
N ASN B 309 -9.76 12.13 -6.53
CA ASN B 309 -10.25 11.81 -7.87
C ASN B 309 -10.31 13.09 -8.68
N MET B 310 -9.83 13.05 -9.91
CA MET B 310 -9.77 14.24 -10.75
C MET B 310 -10.41 14.03 -12.12
N LEU B 311 -11.25 14.97 -12.53
CA LEU B 311 -11.83 14.99 -13.88
C LEU B 311 -11.14 16.11 -14.64
N TYR B 312 -10.35 15.75 -15.66
CA TYR B 312 -9.50 16.72 -16.34
C TYR B 312 -9.40 16.48 -17.84
N PHE B 313 -9.02 17.55 -18.59
CA PHE B 313 -8.69 17.50 -20.00
C PHE B 313 -7.21 17.15 -20.12
N ASN B 314 -6.87 16.07 -20.84
CA ASN B 314 -5.46 15.67 -20.99
C ASN B 314 -4.73 16.41 -22.14
N GLY B 315 -5.46 17.24 -22.87
CA GLY B 315 -4.90 18.00 -23.98
C GLY B 315 -4.72 17.18 -25.25
N LYS B 316 -5.32 15.97 -25.26
CA LYS B 316 -5.25 15.07 -26.39
C LYS B 316 -6.65 14.66 -26.82
N GLU B 317 -7.57 15.66 -26.97
CA GLU B 317 -8.99 15.46 -27.38
C GLU B 317 -9.75 14.48 -26.42
N GLN B 318 -9.29 14.37 -25.16
CA GLN B 318 -9.88 13.46 -24.18
C GLN B 318 -10.13 14.14 -22.83
N ILE B 319 -11.17 13.69 -22.14
CA ILE B 319 -11.47 14.05 -20.76
C ILE B 319 -11.30 12.78 -19.94
N ILE B 320 -10.52 12.85 -18.89
CA ILE B 320 -10.23 11.67 -18.10
C ILE B 320 -10.67 11.84 -16.68
N TYR B 321 -11.23 10.79 -16.10
CA TYR B 321 -11.53 10.71 -14.69
C TYR B 321 -10.59 9.67 -14.09
N GLY B 322 -9.85 10.07 -13.08
CA GLY B 322 -8.86 9.19 -12.50
C GLY B 322 -8.61 9.41 -11.03
N LYS B 323 -7.83 8.50 -10.42
CA LYS B 323 -7.48 8.55 -9.01
C LYS B 323 -6.00 8.91 -8.87
N ILE B 324 -5.71 10.08 -8.27
CA ILE B 324 -4.33 10.52 -8.06
C ILE B 324 -3.90 10.21 -6.63
N PRO B 325 -2.94 9.28 -6.42
CA PRO B 325 -2.57 8.93 -5.04
C PRO B 325 -1.76 10.01 -4.30
N ALA B 326 -1.72 9.91 -2.96
CA ALA B 326 -0.91 10.76 -2.08
C ALA B 326 -0.97 12.25 -2.42
N MET B 327 -2.20 12.81 -2.52
CA MET B 327 -2.38 14.24 -2.80
C MET B 327 -2.80 15.01 -1.55
N VAL B 328 -3.38 14.29 -0.57
CA VAL B 328 -3.86 14.89 0.69
C VAL B 328 -3.00 14.39 1.84
N VAL B 329 -2.51 15.30 2.70
CA VAL B 329 -1.78 14.93 3.90
C VAL B 329 -2.78 14.63 5.00
N ASP B 330 -2.76 13.41 5.54
CA ASP B 330 -3.70 12.99 6.59
C ASP B 330 -3.06 13.09 7.98
N ARG B 331 -1.78 12.74 8.07
CA ARG B 331 -1.06 12.68 9.32
C ARG B 331 0.37 13.16 9.09
N CYS B 332 0.93 13.85 10.10
CA CYS B 332 2.34 14.25 10.06
C CYS B 332 3.10 13.53 11.16
N GLY B 333 4.36 13.26 10.91
CA GLY B 333 5.23 12.60 11.88
C GLY B 333 6.67 12.97 11.71
N CYS B 334 7.51 12.48 12.60
CA CYS B 334 8.95 12.72 12.54
C CYS B 334 9.64 11.48 12.02
N SER B 335 10.39 11.62 10.90
CA SER B 335 11.12 10.49 10.30
C SER B 335 12.35 10.97 9.54
CL CL C . -14.79 -7.51 -20.36
C1 EDO D . 17.96 25.73 -12.38
O1 EDO D . 17.28 26.93 -12.15
C2 EDO D . 19.34 25.78 -11.69
O2 EDO D . 20.08 24.62 -12.04
C1 EDO E . -25.46 17.77 -38.42
O1 EDO E . -25.22 17.94 -37.02
C2 EDO E . -26.80 17.02 -38.62
O2 EDO E . -26.61 15.62 -38.37
C1 EDO F . 15.04 17.66 -4.77
O1 EDO F . 14.91 17.15 -6.09
C2 EDO F . 13.67 18.21 -4.30
O2 EDO F . 13.81 18.75 -3.01
C1 EDO G . -27.48 0.72 -24.36
O1 EDO G . -27.33 1.93 -23.60
C2 EDO G . -28.34 0.98 -25.64
O2 EDO G . -27.87 0.17 -26.73
C1 EDO H . 21.68 20.14 -4.26
O1 EDO H . 22.02 21.50 -4.01
C2 EDO H . 20.61 19.67 -3.23
O2 EDO H . 19.99 18.49 -3.69
CL CL I . -3.91 27.88 -3.87
C1 EDO J . -7.27 29.34 12.08
O1 EDO J . -6.17 30.13 12.55
C2 EDO J . -6.94 28.75 10.68
O2 EDO J . -7.30 27.37 10.67
C1 EDO K . -5.57 20.17 8.91
O1 EDO K . -6.91 19.85 9.13
C2 EDO K . -4.89 20.34 10.24
O2 EDO K . -5.38 21.50 10.86
C1 EDO L . -8.47 16.51 4.95
O1 EDO L . -8.20 17.55 5.89
C2 EDO L . -7.62 15.26 5.30
O2 EDO L . -8.04 14.71 6.55
C1 EDO M . -5.22 27.86 3.49
O1 EDO M . -6.27 26.95 3.79
C2 EDO M . -5.28 28.24 2.00
O2 EDO M . -4.46 29.39 1.78
C1 EDO N . 7.85 15.76 -6.73
O1 EDO N . 7.45 14.44 -6.35
C2 EDO N . 7.49 16.77 -5.60
O2 EDO N . 8.18 18.00 -5.82
C1 EDO O . -11.97 33.18 -28.45
O1 EDO O . -11.42 32.59 -27.29
C2 EDO O . -11.14 34.42 -28.84
O2 EDO O . -9.91 34.02 -29.40
C1 EDO P . 0.45 16.99 -22.28
O1 EDO P . 0.39 18.40 -22.21
C2 EDO P . 1.94 16.52 -22.44
O2 EDO P . 2.04 15.11 -22.24
C1 EDO Q . -4.32 25.95 -18.62
O1 EDO Q . -4.30 26.69 -19.83
C2 EDO Q . -3.08 26.33 -17.75
O2 EDO Q . -1.90 26.13 -18.50
C1 EDO R . -6.59 29.97 -2.54
O1 EDO R . -7.63 30.77 -3.11
C2 EDO R . -6.95 29.59 -1.08
O2 EDO R . -8.19 28.89 -1.06
C1 EDO S . -14.92 21.40 -5.78
O1 EDO S . -14.42 22.54 -5.08
C2 EDO S . -15.51 21.84 -7.13
O2 EDO S . -15.73 20.71 -7.97
C1 EDO T . -12.13 15.44 -3.96
O1 EDO T . -11.11 15.72 -3.03
C2 EDO T . -11.63 14.35 -4.94
O2 EDO T . -11.60 13.10 -4.28
C1 EDO U . -11.30 17.21 -0.02
O1 EDO U . -11.07 18.60 -0.22
C2 EDO U . -9.95 16.47 0.17
O2 EDO U . -9.48 16.67 1.50
C1 EDO V . -2.89 11.29 -19.67
O1 EDO V . -3.14 11.91 -18.38
C2 EDO V . -2.17 12.31 -20.63
O2 EDO V . -0.95 11.76 -21.12
C1 EDO W . 9.15 21.91 7.99
O1 EDO W . 9.10 22.28 9.35
C2 EDO W . 9.26 20.37 7.88
O2 EDO W . 8.67 19.95 6.67
C1 EDO X . -20.13 24.18 -20.62
O1 EDO X . -19.36 24.26 -19.40
C2 EDO X . -20.04 22.74 -21.20
O2 EDO X . -20.10 22.78 -22.62
C1 EDO Y . -28.43 18.91 -21.24
O1 EDO Y . -28.68 19.13 -22.62
C2 EDO Y . -28.83 17.44 -20.86
O2 EDO Y . -28.19 17.06 -19.64
#